data_2O3S
#
_entry.id   2O3S
#
_cell.length_a   42.350
_cell.length_b   53.786
_cell.length_c   66.826
_cell.angle_alpha   104.97
_cell.angle_beta   91.71
_cell.angle_gamma   95.04
#
_symmetry.space_group_name_H-M   'P 1'
#
loop_
_entity.id
_entity.type
_entity.pdbx_description
1 polymer 'ADP-ribosyl cyclase 1'
2 non-polymer 'CYCLIC ADENOSINE DIPHOSPHATE-RIBOSE'
3 water water
#
_entity_poly.entity_id   1
_entity_poly.type   'polypeptide(L)'
_entity_poly.pdbx_seq_one_letter_code
;KREAEAFWRQTWSGPGTTKRFPETVLARCVKYTEIHPEMRHVDCQSVWDAFKGAFISKHPCDITEEDYQPLMKLGTQTVP
CNKILLWSRIKDLAHQFTQVQRDMFTLEDTLLGYLADDLTWCGEFDTSKINYQSCPDWRKDCSNNPVSVFWKTVSRRFAE
AACDVVHVMLDGSRSKIFDKDSTFGSVGVHNLQPEKVQTLEAWVIHGGREDSRDLCQDPTIKELESIISKRNIQFSCKNI
YRPDKFLQCVKNPEDSSCTSEI
;
_entity_poly.pdbx_strand_id   A,B
#
loop_
_chem_comp.id
_chem_comp.type
_chem_comp.name
_chem_comp.formula
CXR non-polymer 'CYCLIC ADENOSINE DIPHOSPHATE-RIBOSE' 'C15 H21 N5 O13 P2'
#
# COMPACT_ATOMS: atom_id res chain seq x y z
N PHE A 7 -17.56 -34.91 -8.97
CA PHE A 7 -18.34 -34.65 -7.71
C PHE A 7 -17.66 -35.19 -6.45
N TRP A 8 -16.68 -36.08 -6.63
CA TRP A 8 -15.92 -36.63 -5.51
C TRP A 8 -14.60 -35.93 -5.24
N ARG A 9 -14.29 -34.91 -6.04
CA ARG A 9 -13.02 -34.20 -5.98
C ARG A 9 -13.15 -32.79 -6.63
N GLN A 10 -13.22 -31.75 -5.81
CA GLN A 10 -13.39 -30.39 -6.33
C GLN A 10 -12.05 -29.76 -6.76
N THR A 11 -12.13 -28.69 -7.56
CA THR A 11 -10.95 -27.91 -7.99
C THR A 11 -10.17 -27.27 -6.82
N TRP A 12 -10.89 -26.59 -5.94
CA TRP A 12 -10.28 -25.80 -4.86
C TRP A 12 -10.63 -26.40 -3.51
N SER A 13 -9.91 -25.96 -2.48
CA SER A 13 -10.10 -26.48 -1.14
C SER A 13 -11.11 -25.78 -0.24
N GLY A 14 -11.61 -24.60 -0.66
CA GLY A 14 -12.65 -23.83 0.05
C GLY A 14 -14.10 -24.12 -0.40
N PRO A 15 -15.09 -23.85 0.47
CA PRO A 15 -16.52 -23.92 0.09
C PRO A 15 -16.88 -23.09 -1.18
N GLY A 16 -17.82 -23.55 -2.02
CA GLY A 16 -18.21 -22.82 -3.25
C GLY A 16 -19.05 -21.57 -2.94
N THR A 17 -19.43 -20.81 -3.98
CA THR A 17 -20.22 -19.56 -3.81
C THR A 17 -21.56 -19.84 -3.13
N THR A 18 -21.98 -18.94 -2.24
CA THR A 18 -23.30 -19.05 -1.60
C THR A 18 -24.44 -19.15 -2.63
N LYS A 19 -25.35 -20.10 -2.46
CA LYS A 19 -26.50 -20.25 -3.36
C LYS A 19 -27.28 -18.92 -3.51
N ARG A 20 -27.75 -18.64 -4.73
CA ARG A 20 -28.45 -17.39 -5.05
C ARG A 20 -27.62 -16.13 -4.75
N PHE A 21 -26.29 -16.20 -4.84
CA PHE A 21 -25.47 -15.02 -4.47
C PHE A 21 -25.92 -13.70 -5.14
N PRO A 22 -26.15 -13.69 -6.47
CA PRO A 22 -26.57 -12.40 -7.09
C PRO A 22 -27.86 -11.82 -6.58
N GLU A 23 -28.87 -12.66 -6.37
CA GLU A 23 -30.16 -12.15 -5.87
C GLU A 23 -30.02 -11.68 -4.40
N THR A 24 -29.15 -12.36 -3.65
CA THR A 24 -28.96 -12.03 -2.23
C THR A 24 -28.28 -10.68 -2.08
N VAL A 25 -27.24 -10.45 -2.85
CA VAL A 25 -26.54 -9.16 -2.79
C VAL A 25 -27.47 -8.02 -3.25
N LEU A 26 -28.27 -8.24 -4.29
CA LEU A 26 -29.16 -7.17 -4.79
C LEU A 26 -30.18 -6.85 -3.72
N ALA A 27 -30.77 -7.87 -3.08
CA ALA A 27 -31.84 -7.64 -2.08
C ALA A 27 -31.26 -6.97 -0.84
N ARG A 28 -30.03 -7.34 -0.47
CA ARG A 28 -29.41 -6.65 0.69
C ARG A 28 -29.18 -5.17 0.40
N CYS A 29 -28.74 -4.83 -0.81
CA CYS A 29 -28.56 -3.44 -1.21
C CYS A 29 -29.89 -2.68 -1.13
N VAL A 30 -30.95 -3.22 -1.72
CA VAL A 30 -32.30 -2.60 -1.66
C VAL A 30 -32.71 -2.34 -0.20
N LYS A 31 -32.57 -3.34 0.66
CA LYS A 31 -32.92 -3.18 2.07
C LYS A 31 -32.10 -2.12 2.78
N TYR A 32 -30.77 -2.17 2.61
CA TYR A 32 -29.87 -1.22 3.30
C TYR A 32 -30.24 0.21 2.89
N THR A 33 -30.46 0.43 1.60
CA THR A 33 -30.76 1.75 1.05
C THR A 33 -32.19 2.26 1.43
N GLU A 34 -33.12 1.35 1.74
CA GLU A 34 -34.47 1.74 2.26
C GLU A 34 -34.34 2.26 3.69
N ILE A 35 -33.47 1.62 4.48
CA ILE A 35 -33.36 1.99 5.89
C ILE A 35 -32.48 3.23 6.19
N HIS A 36 -31.32 3.32 5.50
CA HIS A 36 -30.32 4.38 5.76
C HIS A 36 -30.45 5.55 4.79
N PRO A 37 -30.96 6.70 5.30
CA PRO A 37 -31.29 7.75 4.36
C PRO A 37 -30.12 8.39 3.61
N GLU A 38 -28.91 8.35 4.17
CA GLU A 38 -27.72 8.87 3.46
C GLU A 38 -27.38 8.07 2.19
N MET A 39 -27.85 6.83 2.13
CA MET A 39 -27.66 5.96 0.97
C MET A 39 -28.96 5.76 0.15
N ARG A 40 -29.99 6.56 0.41
CA ARG A 40 -31.31 6.30 -0.20
C ARG A 40 -31.37 6.53 -1.71
N HIS A 41 -30.27 7.04 -2.29
CA HIS A 41 -30.24 7.33 -3.73
C HIS A 41 -29.35 6.36 -4.54
N VAL A 42 -28.56 5.52 -3.87
CA VAL A 42 -27.64 4.57 -4.55
C VAL A 42 -28.42 3.73 -5.55
N ASP A 43 -27.82 3.40 -6.70
CA ASP A 43 -28.52 2.53 -7.70
C ASP A 43 -28.00 1.12 -7.50
N CYS A 44 -28.84 0.25 -6.93
CA CYS A 44 -28.37 -1.11 -6.55
C CYS A 44 -27.98 -2.00 -7.74
N GLN A 45 -28.66 -1.83 -8.89
CA GLN A 45 -28.18 -2.53 -10.10
C GLN A 45 -26.71 -2.18 -10.46
N SER A 46 -26.37 -0.90 -10.36
CA SER A 46 -25.01 -0.42 -10.62
C SER A 46 -24.02 -1.01 -9.61
N VAL A 47 -24.46 -1.11 -8.35
CA VAL A 47 -23.61 -1.73 -7.29
C VAL A 47 -23.33 -3.19 -7.63
N TRP A 48 -24.38 -3.97 -7.92
CA TRP A 48 -24.17 -5.38 -8.35
C TRP A 48 -23.25 -5.51 -9.58
N ASP A 49 -23.49 -4.70 -10.59
CA ASP A 49 -22.62 -4.74 -11.79
C ASP A 49 -21.15 -4.52 -11.44
N ALA A 50 -20.89 -3.59 -10.52
CA ALA A 50 -19.51 -3.29 -10.08
C ALA A 50 -18.88 -4.42 -9.24
N PHE A 51 -19.71 -5.08 -8.43
CA PHE A 51 -19.29 -6.17 -7.54
C PHE A 51 -18.91 -7.35 -8.45
N LYS A 52 -19.84 -7.66 -9.38
CA LYS A 52 -19.64 -8.78 -10.31
C LYS A 52 -18.39 -8.53 -11.17
N GLY A 53 -18.21 -7.28 -11.61
CA GLY A 53 -17.02 -6.93 -12.45
C GLY A 53 -15.70 -7.19 -11.75
N ALA A 54 -15.67 -7.16 -10.42
CA ALA A 54 -14.42 -7.36 -9.70
C ALA A 54 -13.82 -8.77 -9.86
N PHE A 55 -14.69 -9.78 -10.06
CA PHE A 55 -14.25 -11.21 -10.01
C PHE A 55 -14.72 -12.12 -11.15
N ILE A 56 -15.77 -11.75 -11.88
CA ILE A 56 -16.23 -12.57 -13.04
C ILE A 56 -15.20 -12.58 -14.15
N SER A 57 -15.00 -13.74 -14.75
CA SER A 57 -14.04 -13.93 -15.86
C SER A 57 -12.59 -13.70 -15.47
N LYS A 58 -12.29 -13.69 -14.16
CA LYS A 58 -10.93 -13.44 -13.68
C LYS A 58 -10.45 -14.70 -12.93
N HIS A 59 -9.17 -15.03 -13.01
CA HIS A 59 -8.69 -16.22 -12.27
C HIS A 59 -8.82 -15.94 -10.77
N PRO A 60 -9.41 -16.86 -9.97
CA PRO A 60 -9.69 -16.55 -8.55
C PRO A 60 -8.45 -16.62 -7.64
N CYS A 61 -7.26 -16.78 -8.20
CA CYS A 61 -6.02 -16.55 -7.44
C CYS A 61 -5.27 -15.33 -7.94
N ASP A 62 -5.94 -14.45 -8.68
CA ASP A 62 -5.25 -13.31 -9.29
C ASP A 62 -6.02 -11.98 -9.11
N ILE A 63 -6.73 -11.85 -7.98
CA ILE A 63 -7.58 -10.68 -7.78
C ILE A 63 -6.74 -9.58 -7.06
N THR A 64 -6.99 -8.32 -7.42
CA THR A 64 -6.28 -7.18 -6.79
C THR A 64 -7.24 -6.17 -6.14
N GLU A 65 -6.70 -5.29 -5.29
CA GLU A 65 -7.54 -4.25 -4.66
C GLU A 65 -8.12 -3.34 -5.77
N GLU A 66 -7.37 -3.17 -6.88
CA GLU A 66 -7.86 -2.36 -8.02
C GLU A 66 -9.14 -2.92 -8.63
N ASP A 67 -9.29 -4.26 -8.60
CA ASP A 67 -10.47 -4.91 -9.17
C ASP A 67 -11.73 -4.42 -8.45
N TYR A 68 -11.60 -4.11 -7.15
CA TYR A 68 -12.74 -3.63 -6.31
C TYR A 68 -13.00 -2.09 -6.29
N GLN A 69 -12.17 -1.31 -6.99
CA GLN A 69 -12.33 0.16 -6.97
C GLN A 69 -13.65 0.72 -7.50
N PRO A 70 -14.17 0.21 -8.63
CA PRO A 70 -15.52 0.68 -9.07
C PRO A 70 -16.60 0.47 -7.97
N LEU A 71 -16.57 -0.70 -7.31
CA LEU A 71 -17.45 -0.99 -6.17
C LEU A 71 -17.19 -0.04 -5.00
N MET A 72 -15.93 0.13 -4.58
CA MET A 72 -15.57 1.12 -3.54
C MET A 72 -16.11 2.53 -3.83
N LYS A 73 -16.00 2.98 -5.08
CA LYS A 73 -16.45 4.33 -5.42
C LYS A 73 -17.96 4.47 -5.23
N LEU A 74 -18.74 3.51 -5.74
CA LEU A 74 -20.20 3.54 -5.61
C LEU A 74 -20.69 3.40 -4.16
N GLY A 75 -19.94 2.66 -3.35
CA GLY A 75 -20.25 2.46 -1.93
C GLY A 75 -19.65 3.50 -0.97
N THR A 76 -19.08 4.58 -1.52
CA THR A 76 -18.59 5.75 -0.72
C THR A 76 -19.61 6.13 0.37
N GLN A 77 -19.15 6.28 1.61
CA GLN A 77 -20.08 6.48 2.73
C GLN A 77 -19.33 7.08 3.92
N THR A 78 -19.84 8.15 4.50
CA THR A 78 -19.16 8.64 5.72
C THR A 78 -19.81 8.03 6.96
N VAL A 79 -18.97 7.70 7.94
CA VAL A 79 -19.43 7.18 9.25
C VAL A 79 -18.76 8.03 10.33
N PRO A 80 -19.46 8.31 11.44
CA PRO A 80 -18.92 9.15 12.52
C PRO A 80 -17.53 8.68 12.93
N CYS A 81 -16.51 9.51 12.68
CA CYS A 81 -15.10 9.01 12.81
C CYS A 81 -14.70 8.66 14.23
N ASN A 82 -15.38 9.25 15.23
CA ASN A 82 -15.01 9.06 16.60
C ASN A 82 -15.82 7.96 17.27
N LYS A 83 -16.61 7.21 16.50
CA LYS A 83 -17.49 6.13 17.05
C LYS A 83 -17.22 4.77 16.43
N ILE A 84 -15.96 4.51 16.07
CA ILE A 84 -15.72 3.23 15.33
C ILE A 84 -15.36 2.12 16.29
N LEU A 85 -16.00 0.93 16.07
CA LEU A 85 -15.61 -0.29 16.80
C LEU A 85 -15.03 -1.31 15.82
N LEU A 86 -13.74 -1.54 15.97
CA LEU A 86 -13.06 -2.69 15.36
C LEU A 86 -13.32 -3.95 16.20
N TRP A 87 -13.15 -5.11 15.55
CA TRP A 87 -13.31 -6.34 16.31
C TRP A 87 -12.60 -7.51 15.63
N SER A 88 -12.11 -8.46 16.44
CA SER A 88 -11.51 -9.63 15.82
C SER A 88 -12.01 -10.90 16.54
N ARG A 89 -12.56 -11.80 15.71
CA ARG A 89 -12.99 -13.12 16.15
C ARG A 89 -14.10 -13.13 17.22
N ILE A 90 -14.87 -12.05 17.33
CA ILE A 90 -15.96 -11.94 18.33
C ILE A 90 -17.19 -11.21 17.73
N LYS A 91 -17.63 -11.64 16.55
CA LYS A 91 -18.68 -10.91 15.80
C LYS A 91 -19.99 -10.76 16.58
N ASP A 92 -20.43 -11.85 17.22
CA ASP A 92 -21.76 -11.84 17.80
C ASP A 92 -21.91 -10.75 18.86
N LEU A 93 -20.96 -10.68 19.81
CA LEU A 93 -21.06 -9.62 20.85
C LEU A 93 -20.90 -8.20 20.25
N ALA A 94 -20.00 -8.03 19.28
CA ALA A 94 -19.84 -6.69 18.70
C ALA A 94 -21.15 -6.20 18.08
N HIS A 95 -21.83 -7.07 17.33
CA HIS A 95 -23.06 -6.69 16.66
C HIS A 95 -24.21 -6.52 17.67
N GLN A 96 -24.32 -7.39 18.69
CA GLN A 96 -25.40 -7.23 19.69
C GLN A 96 -25.24 -5.90 20.45
N PHE A 97 -24.00 -5.52 20.73
CA PHE A 97 -23.73 -4.26 21.44
C PHE A 97 -24.19 -3.06 20.56
N THR A 98 -23.76 -2.99 19.29
CA THR A 98 -24.04 -1.75 18.51
C THR A 98 -25.56 -1.67 18.22
N GLN A 99 -26.23 -2.83 18.16
CA GLN A 99 -27.71 -2.84 17.93
C GLN A 99 -28.59 -2.20 19.02
N VAL A 100 -28.08 -2.05 20.26
CA VAL A 100 -28.94 -1.54 21.35
C VAL A 100 -29.41 -0.08 21.12
N GLN A 101 -28.43 0.79 20.83
CA GLN A 101 -28.74 2.24 20.66
C GLN A 101 -27.70 2.93 19.73
N ARG A 102 -26.98 2.14 18.92
CA ARG A 102 -26.04 2.69 17.93
C ARG A 102 -24.96 3.56 18.59
N ASP A 103 -24.40 3.05 19.71
CA ASP A 103 -23.30 3.75 20.40
C ASP A 103 -22.03 3.81 19.56
N MET A 104 -21.80 2.75 18.77
CA MET A 104 -20.61 2.68 17.90
C MET A 104 -21.04 1.97 16.57
N PHE A 105 -20.12 1.92 15.62
CA PHE A 105 -20.39 1.44 14.25
C PHE A 105 -19.31 0.44 13.90
N THR A 106 -19.69 -0.76 13.42
CA THR A 106 -18.67 -1.74 12.95
C THR A 106 -18.65 -1.76 11.42
N LEU A 107 -17.75 -2.58 10.85
CA LEU A 107 -17.65 -2.62 9.36
C LEU A 107 -18.98 -3.11 8.74
N GLU A 108 -19.72 -3.96 9.50
CA GLU A 108 -21.01 -4.55 8.94
C GLU A 108 -22.15 -3.55 9.04
N ASP A 109 -21.91 -2.40 9.71
CA ASP A 109 -22.86 -1.26 9.63
C ASP A 109 -22.77 -0.37 8.41
N THR A 110 -21.78 -0.60 7.55
CA THR A 110 -21.61 0.18 6.34
C THR A 110 -22.30 -0.64 5.21
N LEU A 111 -22.67 0.02 4.11
CA LEU A 111 -23.29 -0.68 2.96
C LEU A 111 -22.44 -1.87 2.50
N LEU A 112 -21.14 -1.64 2.26
CA LEU A 112 -20.34 -2.76 1.69
C LEU A 112 -20.15 -3.94 2.66
N GLY A 113 -19.89 -3.67 3.95
CA GLY A 113 -19.78 -4.75 4.93
C GLY A 113 -21.09 -5.52 5.08
N TYR A 114 -22.22 -4.81 5.04
CA TYR A 114 -23.54 -5.47 5.15
C TYR A 114 -23.81 -6.40 3.90
N LEU A 115 -23.42 -5.93 2.70
CA LEU A 115 -23.64 -6.74 1.47
C LEU A 115 -22.95 -8.09 1.53
N ALA A 116 -21.69 -8.09 2.02
CA ALA A 116 -20.85 -9.31 1.98
C ALA A 116 -20.84 -10.21 3.24
N ASP A 117 -21.40 -9.73 4.39
CA ASP A 117 -21.23 -10.50 5.63
C ASP A 117 -21.80 -11.93 5.48
N ASP A 118 -21.05 -12.94 5.95
CA ASP A 118 -21.47 -14.36 5.93
C ASP A 118 -21.57 -15.00 4.51
N LEU A 119 -21.00 -14.35 3.49
CA LEU A 119 -21.11 -14.95 2.13
C LEU A 119 -19.71 -15.37 1.59
N THR A 120 -19.73 -16.16 0.51
CA THR A 120 -18.53 -16.66 -0.18
C THR A 120 -18.84 -16.52 -1.68
N TRP A 121 -17.83 -16.12 -2.45
CA TRP A 121 -18.02 -16.01 -3.92
C TRP A 121 -16.68 -16.17 -4.69
N CYS A 122 -16.79 -16.70 -5.92
CA CYS A 122 -15.64 -16.74 -6.86
C CYS A 122 -16.13 -17.08 -8.25
N GLY A 123 -15.33 -16.68 -9.24
CA GLY A 123 -15.55 -17.09 -10.65
C GLY A 123 -14.42 -17.95 -11.21
N GLU A 124 -14.24 -17.86 -12.53
CA GLU A 124 -13.23 -18.67 -13.26
C GLU A 124 -12.67 -17.90 -14.43
N PHE A 125 -11.43 -18.22 -14.80
CA PHE A 125 -10.75 -17.48 -15.85
C PHE A 125 -11.40 -17.77 -17.19
N ASP A 126 -11.70 -16.71 -17.94
CA ASP A 126 -12.17 -16.90 -19.34
C ASP A 126 -13.51 -17.64 -19.52
N THR A 127 -14.29 -17.83 -18.45
CA THR A 127 -15.75 -17.98 -18.65
C THR A 127 -16.42 -16.98 -17.73
N SER A 128 -17.70 -16.66 -17.99
CA SER A 128 -18.41 -15.69 -17.10
C SER A 128 -19.24 -16.39 -16.01
N LYS A 129 -18.98 -17.67 -15.76
CA LYS A 129 -19.77 -18.42 -14.77
C LYS A 129 -19.32 -18.21 -13.32
N ILE A 130 -20.28 -18.18 -12.40
CA ILE A 130 -19.97 -18.21 -10.93
C ILE A 130 -19.69 -19.69 -10.54
N ASN A 131 -18.69 -19.90 -9.68
CA ASN A 131 -18.34 -21.24 -9.24
C ASN A 131 -19.06 -21.58 -7.95
N TYR A 132 -20.11 -22.39 -8.04
CA TYR A 132 -20.91 -22.78 -6.89
C TYR A 132 -20.42 -24.09 -6.26
N GLN A 133 -19.34 -24.65 -6.80
CA GLN A 133 -18.84 -25.96 -6.35
C GLN A 133 -17.65 -25.87 -5.39
N SER A 134 -16.69 -24.98 -5.69
CA SER A 134 -15.58 -24.67 -4.75
C SER A 134 -14.94 -23.33 -5.00
N CYS A 135 -14.24 -22.79 -4.00
CA CYS A 135 -13.53 -21.51 -4.12
C CYS A 135 -12.18 -21.60 -3.39
N PRO A 136 -11.17 -20.83 -3.82
CA PRO A 136 -9.85 -21.02 -3.12
C PRO A 136 -9.85 -20.80 -1.62
N ASP A 137 -9.11 -21.71 -0.94
CA ASP A 137 -8.76 -21.53 0.49
C ASP A 137 -7.54 -20.60 0.65
N TRP A 138 -7.63 -19.64 1.57
CA TRP A 138 -6.56 -18.63 1.75
C TRP A 138 -5.23 -19.30 2.07
N ARG A 139 -5.29 -20.39 2.84
CA ARG A 139 -4.10 -21.09 3.28
C ARG A 139 -3.57 -22.08 2.23
N LYS A 140 -4.41 -23.03 1.84
CA LYS A 140 -4.00 -24.06 0.91
C LYS A 140 -3.76 -23.66 -0.55
N ASP A 141 -4.58 -22.72 -1.05
CA ASP A 141 -4.56 -22.39 -2.45
C ASP A 141 -3.90 -21.03 -2.73
N CYS A 142 -4.45 -19.93 -2.18
CA CYS A 142 -3.94 -18.60 -2.49
C CYS A 142 -4.59 -17.53 -1.64
N SER A 143 -3.76 -16.53 -1.33
CA SER A 143 -4.26 -15.38 -0.56
C SER A 143 -5.02 -14.35 -1.40
N ASN A 144 -4.69 -14.27 -2.72
CA ASN A 144 -5.24 -13.23 -3.56
C ASN A 144 -6.57 -13.66 -4.22
N ASN A 145 -7.49 -14.15 -3.38
CA ASN A 145 -8.81 -14.65 -3.82
C ASN A 145 -9.94 -13.60 -3.67
N PRO A 146 -11.08 -13.79 -4.33
CA PRO A 146 -12.11 -12.73 -4.31
C PRO A 146 -12.54 -12.31 -2.90
N VAL A 147 -12.77 -13.28 -2.01
CA VAL A 147 -13.27 -12.96 -0.63
C VAL A 147 -12.17 -12.30 0.21
N SER A 148 -10.98 -12.89 0.27
CA SER A 148 -9.94 -12.27 1.07
C SER A 148 -9.50 -10.88 0.65
N VAL A 149 -9.42 -10.65 -0.65
CA VAL A 149 -9.00 -9.33 -1.15
C VAL A 149 -10.13 -8.28 -0.84
N PHE A 150 -11.39 -8.67 -0.97
CA PHE A 150 -12.48 -7.75 -0.61
C PHE A 150 -12.36 -7.30 0.84
N TRP A 151 -12.20 -8.28 1.74
CA TRP A 151 -12.21 -7.84 3.19
C TRP A 151 -10.95 -7.04 3.52
N LYS A 152 -9.80 -7.36 2.92
CA LYS A 152 -8.62 -6.50 3.14
C LYS A 152 -8.85 -5.07 2.66
N THR A 153 -9.45 -4.90 1.47
CA THR A 153 -9.64 -3.58 0.87
C THR A 153 -10.62 -2.73 1.71
N VAL A 154 -11.77 -3.30 2.09
CA VAL A 154 -12.75 -2.53 2.89
C VAL A 154 -12.25 -2.27 4.30
N SER A 155 -11.49 -3.23 4.85
CA SER A 155 -10.97 -3.06 6.27
C SER A 155 -9.95 -1.91 6.28
N ARG A 156 -9.12 -1.75 5.23
CA ARG A 156 -8.08 -0.70 5.21
C ARG A 156 -8.79 0.65 5.17
N ARG A 157 -9.82 0.84 4.31
CA ARG A 157 -10.55 2.10 4.19
C ARG A 157 -11.28 2.47 5.52
N PHE A 158 -11.81 1.45 6.22
CA PHE A 158 -12.57 1.67 7.49
C PHE A 158 -11.59 2.18 8.56
N ALA A 159 -10.44 1.55 8.67
CA ALA A 159 -9.43 2.01 9.65
C ALA A 159 -8.91 3.42 9.34
N GLU A 160 -8.69 3.69 8.06
CA GLU A 160 -8.27 5.05 7.59
C GLU A 160 -9.23 6.18 7.97
N ALA A 161 -10.49 5.81 8.15
CA ALA A 161 -11.61 6.75 8.40
C ALA A 161 -11.67 7.14 9.88
N ALA A 162 -11.03 6.36 10.75
CA ALA A 162 -11.20 6.59 12.21
C ALA A 162 -10.49 7.79 12.73
N CYS A 163 -11.02 8.36 13.82
CA CYS A 163 -10.38 9.47 14.54
C CYS A 163 -10.60 9.40 16.06
N ASP A 164 -9.91 10.28 16.82
CA ASP A 164 -10.19 10.44 18.26
C ASP A 164 -9.94 9.14 19.03
N VAL A 165 -10.92 8.62 19.80
CA VAL A 165 -10.72 7.32 20.49
C VAL A 165 -11.37 6.22 19.62
N VAL A 166 -10.56 5.21 19.23
CA VAL A 166 -11.07 4.04 18.47
C VAL A 166 -11.08 2.84 19.40
N HIS A 167 -12.14 2.03 19.33
CA HIS A 167 -12.24 0.86 20.25
C HIS A 167 -12.04 -0.44 19.46
N VAL A 168 -11.46 -1.47 20.10
CA VAL A 168 -11.42 -2.84 19.49
C VAL A 168 -11.85 -3.92 20.47
N MET A 169 -12.78 -4.78 20.04
CA MET A 169 -13.19 -5.94 20.90
C MET A 169 -12.32 -7.17 20.50
N LEU A 170 -11.72 -7.80 21.47
CA LEU A 170 -10.83 -8.99 21.26
C LEU A 170 -11.34 -10.21 22.02
N ASP A 171 -11.16 -11.39 21.43
CA ASP A 171 -11.59 -12.65 22.09
C ASP A 171 -10.52 -13.16 23.05
N GLY A 172 -10.75 -13.01 24.35
CA GLY A 172 -9.80 -13.44 25.39
C GLY A 172 -9.84 -14.92 25.76
N SER A 173 -10.56 -15.71 24.97
CA SER A 173 -10.57 -17.18 25.08
C SER A 173 -9.62 -17.88 24.06
N ARG A 174 -9.14 -17.13 23.07
CA ARG A 174 -8.20 -17.65 22.02
C ARG A 174 -6.74 -17.72 22.54
N SER A 175 -5.82 -18.50 21.95
CA SER A 175 -4.43 -18.57 22.49
C SER A 175 -3.48 -17.43 22.03
N LYS A 176 -4.07 -16.54 21.23
CA LYS A 176 -3.45 -15.32 20.71
C LYS A 176 -4.59 -14.29 20.78
N ILE A 177 -4.75 -13.71 21.97
CA ILE A 177 -5.79 -12.68 22.19
C ILE A 177 -5.66 -11.55 21.15
N PHE A 178 -4.44 -11.04 21.00
CA PHE A 178 -4.10 -10.23 19.83
C PHE A 178 -3.23 -11.10 18.92
N ASP A 179 -3.66 -11.22 17.69
CA ASP A 179 -3.02 -12.09 16.68
C ASP A 179 -2.45 -11.20 15.56
N LYS A 180 -1.11 -11.05 15.50
CA LYS A 180 -0.50 -10.28 14.38
C LYS A 180 -0.92 -10.72 13.00
N ASP A 181 -1.32 -11.98 12.87
CA ASP A 181 -1.68 -12.52 11.58
C ASP A 181 -3.15 -12.27 11.20
N SER A 182 -4.00 -11.88 12.16
CA SER A 182 -5.41 -11.52 11.81
C SER A 182 -5.48 -10.25 10.93
N THR A 183 -6.59 -10.02 10.24
CA THR A 183 -6.76 -8.79 9.50
C THR A 183 -6.64 -7.56 10.46
N PHE A 184 -7.15 -7.67 11.70
CA PHE A 184 -6.97 -6.52 12.64
C PHE A 184 -5.49 -6.25 12.82
N GLY A 185 -4.71 -7.31 13.07
CA GLY A 185 -3.26 -7.17 13.36
C GLY A 185 -2.41 -6.82 12.17
N SER A 186 -2.78 -7.29 10.97
CA SER A 186 -1.97 -7.05 9.74
C SER A 186 -2.38 -5.83 8.91
N VAL A 187 -3.65 -5.41 9.01
CA VAL A 187 -4.25 -4.28 8.26
C VAL A 187 -4.76 -3.16 9.20
N GLY A 188 -5.63 -3.47 10.14
CA GLY A 188 -6.21 -2.38 10.91
C GLY A 188 -5.19 -1.57 11.73
N VAL A 189 -4.35 -2.25 12.52
CA VAL A 189 -3.34 -1.58 13.37
C VAL A 189 -2.44 -0.60 12.58
N HIS A 190 -2.11 -0.96 11.35
CA HIS A 190 -1.15 -0.26 10.52
C HIS A 190 -1.75 0.81 9.61
N ASN A 191 -3.09 0.85 9.56
CA ASN A 191 -3.77 1.86 8.77
C ASN A 191 -4.56 2.89 9.59
N LEU A 192 -4.55 2.79 10.91
CA LEU A 192 -5.03 3.97 11.74
C LEU A 192 -4.11 5.16 11.41
N GLN A 193 -4.66 6.35 11.33
CA GLN A 193 -3.83 7.52 10.96
C GLN A 193 -3.40 8.30 12.21
N PRO A 194 -2.10 8.29 12.55
CA PRO A 194 -1.68 8.94 13.79
C PRO A 194 -1.96 10.45 13.90
N GLU A 195 -2.14 11.13 12.76
CA GLU A 195 -2.45 12.58 12.77
C GLU A 195 -3.85 12.84 13.42
N LYS A 196 -4.72 11.81 13.30
CA LYS A 196 -6.20 11.87 13.62
C LYS A 196 -6.55 11.08 14.87
N VAL A 197 -5.93 9.92 15.10
CA VAL A 197 -6.29 9.01 16.17
C VAL A 197 -5.46 9.26 17.45
N GLN A 198 -6.19 9.62 18.54
CA GLN A 198 -5.55 9.87 19.81
C GLN A 198 -5.19 8.58 20.57
N THR A 199 -6.17 7.66 20.63
CA THR A 199 -6.07 6.47 21.49
C THR A 199 -6.72 5.24 20.83
N LEU A 200 -6.11 4.07 21.02
CA LEU A 200 -6.76 2.79 20.72
C LEU A 200 -7.07 2.15 22.05
N GLU A 201 -8.35 1.83 22.32
CA GLU A 201 -8.81 1.20 23.58
C GLU A 201 -9.29 -0.25 23.29
N ALA A 202 -8.60 -1.25 23.84
CA ALA A 202 -9.04 -2.66 23.65
C ALA A 202 -9.95 -3.07 24.75
N TRP A 203 -11.00 -3.83 24.38
CA TRP A 203 -11.86 -4.46 25.39
C TRP A 203 -11.65 -5.97 25.23
N VAL A 204 -11.08 -6.60 26.26
CA VAL A 204 -10.72 -8.00 26.16
C VAL A 204 -11.88 -8.82 26.77
N ILE A 205 -12.59 -9.58 25.92
CA ILE A 205 -13.83 -10.25 26.31
C ILE A 205 -13.48 -11.64 26.89
N HIS A 206 -13.89 -11.87 28.12
CA HIS A 206 -13.64 -13.17 28.81
C HIS A 206 -14.64 -14.22 28.32
N GLY A 207 -14.17 -15.47 28.08
CA GLY A 207 -15.07 -16.58 27.72
C GLY A 207 -15.30 -17.52 28.87
N GLY A 208 -14.66 -17.20 30.01
CA GLY A 208 -14.54 -18.09 31.14
C GLY A 208 -15.62 -18.06 32.19
N ARG A 209 -15.27 -18.44 33.40
CA ARG A 209 -16.24 -18.51 34.48
C ARG A 209 -16.63 -17.15 35.03
N GLU A 210 -16.11 -16.82 36.18
CA GLU A 210 -16.43 -15.56 36.80
C GLU A 210 -15.15 -14.80 37.13
N ASP A 211 -14.55 -15.20 38.24
CA ASP A 211 -13.28 -14.66 38.75
C ASP A 211 -12.07 -15.26 38.01
N SER A 212 -11.43 -14.43 37.18
CA SER A 212 -10.31 -14.88 36.36
C SER A 212 -9.22 -13.81 36.26
N ARG A 213 -8.23 -14.04 35.40
CA ARG A 213 -7.01 -13.23 35.38
C ARG A 213 -7.21 -11.86 34.73
N ASP A 214 -6.32 -10.93 35.06
CA ASP A 214 -6.22 -9.65 34.35
C ASP A 214 -5.59 -9.90 32.97
N LEU A 215 -6.42 -10.14 31.95
CA LEU A 215 -5.94 -10.44 30.60
C LEU A 215 -5.30 -9.23 29.86
N CYS A 216 -5.43 -8.04 30.43
CA CYS A 216 -4.73 -6.86 29.89
C CYS A 216 -3.22 -6.94 30.20
N GLN A 217 -2.79 -8.02 30.84
CA GLN A 217 -1.36 -8.27 31.11
C GLN A 217 -0.77 -9.37 30.21
N ASP A 218 -1.61 -9.93 29.36
CA ASP A 218 -1.23 -11.02 28.47
C ASP A 218 -0.08 -10.63 27.55
N PRO A 219 0.90 -11.53 27.34
CA PRO A 219 2.01 -11.21 26.41
C PRO A 219 1.59 -10.51 25.12
N THR A 220 0.53 -10.99 24.47
CA THR A 220 0.14 -10.49 23.16
C THR A 220 -0.46 -9.08 23.28
N ILE A 221 -1.08 -8.78 24.42
CA ILE A 221 -1.59 -7.41 24.69
C ILE A 221 -0.40 -6.43 24.90
N LYS A 222 0.69 -6.90 25.52
CA LYS A 222 1.85 -6.04 25.67
C LYS A 222 2.51 -5.79 24.30
N GLU A 223 2.48 -6.78 23.43
CA GLU A 223 2.97 -6.61 22.08
C GLU A 223 2.13 -5.53 21.33
N LEU A 224 0.78 -5.65 21.38
CA LEU A 224 -0.08 -4.64 20.77
C LEU A 224 0.22 -3.23 21.32
N GLU A 225 0.38 -3.12 22.63
CA GLU A 225 0.66 -1.82 23.24
C GLU A 225 1.96 -1.23 22.66
N SER A 226 2.98 -2.06 22.52
CA SER A 226 4.29 -1.55 22.00
C SER A 226 4.16 -1.12 20.51
N ILE A 227 3.49 -1.94 19.68
CA ILE A 227 3.28 -1.55 18.27
C ILE A 227 2.53 -0.21 18.17
N ILE A 228 1.40 -0.08 18.85
CA ILE A 228 0.58 1.17 18.79
C ILE A 228 1.36 2.38 19.36
N SER A 229 2.05 2.23 20.48
CA SER A 229 2.76 3.37 21.10
C SER A 229 3.86 3.86 20.15
N LYS A 230 4.56 2.93 19.46
CA LYS A 230 5.64 3.30 18.55
C LYS A 230 5.11 3.97 17.24
N ARG A 231 3.79 3.98 17.04
CA ARG A 231 3.17 4.72 15.94
C ARG A 231 2.74 6.14 16.39
N ASN A 232 2.99 6.47 17.67
CA ASN A 232 2.59 7.78 18.27
C ASN A 232 1.10 7.85 18.53
N ILE A 233 0.52 6.71 18.93
CA ILE A 233 -0.90 6.59 19.34
C ILE A 233 -0.93 6.02 20.76
N GLN A 234 -1.77 6.56 21.68
CA GLN A 234 -1.85 6.04 23.04
C GLN A 234 -2.64 4.72 23.07
N PHE A 235 -2.33 3.86 24.02
CA PHE A 235 -3.01 2.56 24.16
C PHE A 235 -3.69 2.46 25.54
N SER A 236 -4.92 1.91 25.59
CA SER A 236 -5.66 1.63 26.84
C SER A 236 -6.23 0.21 26.72
N CYS A 237 -6.47 -0.45 27.85
CA CYS A 237 -7.06 -1.81 27.83
C CYS A 237 -8.02 -1.97 29.02
N LYS A 238 -9.16 -2.64 28.78
CA LYS A 238 -10.17 -2.91 29.82
C LYS A 238 -10.60 -4.39 29.67
N ASN A 239 -10.77 -5.06 30.81
CA ASN A 239 -11.33 -6.43 30.86
C ASN A 239 -12.85 -6.32 30.88
N ILE A 240 -13.53 -7.15 30.09
CA ILE A 240 -14.98 -7.40 30.29
C ILE A 240 -15.11 -8.84 30.78
N TYR A 241 -15.24 -8.97 32.10
CA TYR A 241 -15.27 -10.28 32.78
C TYR A 241 -16.52 -11.14 32.50
N ARG A 242 -17.66 -10.46 32.44
CA ARG A 242 -18.94 -11.16 32.22
C ARG A 242 -19.71 -10.47 31.11
N PRO A 243 -19.53 -10.89 29.86
CA PRO A 243 -20.19 -10.26 28.68
C PRO A 243 -21.75 -10.24 28.75
N ASP A 244 -22.33 -11.25 29.40
CA ASP A 244 -23.79 -11.24 29.62
C ASP A 244 -24.25 -10.05 30.46
N LYS A 245 -23.53 -9.76 31.54
CA LYS A 245 -23.80 -8.63 32.41
C LYS A 245 -23.54 -7.29 31.72
N PHE A 246 -22.45 -7.24 30.96
CA PHE A 246 -22.14 -6.05 30.14
C PHE A 246 -23.34 -5.70 29.25
N LEU A 247 -23.81 -6.64 28.45
CA LEU A 247 -24.93 -6.32 27.54
C LEU A 247 -26.16 -5.85 28.29
N GLN A 248 -26.48 -6.52 29.41
CA GLN A 248 -27.60 -6.08 30.20
C GLN A 248 -27.50 -4.62 30.67
N CYS A 249 -26.29 -4.20 31.01
CA CYS A 249 -26.06 -2.88 31.55
C CYS A 249 -26.17 -1.83 30.43
N VAL A 250 -25.79 -2.19 29.21
CA VAL A 250 -25.98 -1.32 28.02
C VAL A 250 -27.47 -1.10 27.76
N LYS A 251 -28.27 -2.18 27.83
CA LYS A 251 -29.73 -2.05 27.67
C LYS A 251 -30.42 -1.29 28.81
N ASN A 252 -29.94 -1.47 30.04
CA ASN A 252 -30.64 -1.07 31.26
C ASN A 252 -29.63 -0.60 32.31
N PRO A 253 -29.06 0.61 32.14
CA PRO A 253 -27.92 0.98 32.97
C PRO A 253 -28.31 1.45 34.36
N GLU A 254 -29.61 1.63 34.61
CA GLU A 254 -30.10 2.01 35.93
C GLU A 254 -30.08 0.82 36.90
N ASP A 255 -29.94 -0.40 36.35
CA ASP A 255 -29.81 -1.64 37.13
C ASP A 255 -28.74 -1.42 38.21
N SER A 256 -29.12 -1.70 39.46
CA SER A 256 -28.22 -1.53 40.62
C SER A 256 -26.91 -2.27 40.44
N SER A 257 -27.00 -3.48 39.88
CA SER A 257 -25.85 -4.35 39.68
C SER A 257 -24.80 -3.81 38.69
N CYS A 258 -25.08 -2.67 38.06
CA CYS A 258 -24.12 -2.08 37.13
C CYS A 258 -23.15 -1.11 37.81
N PHE B 7 10.38 -22.10 13.24
CA PHE B 7 11.57 -22.11 12.34
C PHE B 7 11.25 -22.36 10.84
N TRP B 8 10.09 -22.94 10.55
CA TRP B 8 9.67 -23.19 9.19
C TRP B 8 8.87 -22.08 8.50
N ARG B 9 8.52 -21.00 9.23
CA ARG B 9 7.66 -19.89 8.74
C ARG B 9 8.53 -18.66 8.47
N GLN B 10 8.12 -17.82 7.54
CA GLN B 10 8.78 -16.52 7.36
C GLN B 10 7.77 -15.46 7.68
N THR B 11 8.25 -14.36 8.22
CA THR B 11 7.39 -13.25 8.60
C THR B 11 6.64 -12.60 7.40
N TRP B 12 7.36 -12.40 6.27
CA TRP B 12 6.83 -11.59 5.15
C TRP B 12 6.86 -12.33 3.80
N SER B 13 6.18 -11.79 2.78
CA SER B 13 6.15 -12.42 1.43
C SER B 13 7.25 -11.98 0.50
N GLY B 14 7.94 -10.87 0.79
CA GLY B 14 8.98 -10.35 -0.13
C GLY B 14 10.38 -10.83 0.19
N PRO B 15 11.34 -10.61 -0.75
CA PRO B 15 12.76 -10.90 -0.44
C PRO B 15 13.25 -10.22 0.82
N GLY B 16 14.19 -10.87 1.53
CA GLY B 16 14.83 -10.28 2.72
C GLY B 16 15.96 -9.31 2.38
N THR B 17 16.57 -8.75 3.44
CA THR B 17 17.64 -7.79 3.23
C THR B 17 18.80 -8.43 2.43
N THR B 18 19.33 -7.63 1.49
CA THR B 18 20.43 -8.12 0.64
C THR B 18 21.64 -8.57 1.48
N LYS B 19 22.28 -9.70 1.15
CA LYS B 19 23.45 -10.16 1.88
C LYS B 19 24.50 -9.04 2.05
N ARG B 20 25.09 -8.90 3.27
CA ARG B 20 26.14 -7.89 3.51
C ARG B 20 25.71 -6.44 3.24
N PHE B 21 24.42 -6.17 3.36
CA PHE B 21 23.87 -4.79 3.20
C PHE B 21 24.71 -3.67 3.92
N PRO B 22 25.03 -3.79 5.22
CA PRO B 22 25.75 -2.63 5.85
C PRO B 22 27.09 -2.40 5.21
N GLU B 23 27.85 -3.47 4.97
CA GLU B 23 29.13 -3.33 4.25
C GLU B 23 28.99 -2.75 2.82
N THR B 24 27.95 -3.16 2.09
CA THR B 24 27.74 -2.68 0.73
C THR B 24 27.40 -1.19 0.69
N VAL B 25 26.49 -0.75 1.57
CA VAL B 25 26.13 0.69 1.62
C VAL B 25 27.35 1.54 1.96
N LEU B 26 28.13 1.10 2.95
CA LEU B 26 29.33 1.88 3.31
C LEU B 26 30.32 1.96 2.14
N ALA B 27 30.51 0.84 1.42
CA ALA B 27 31.49 0.79 0.33
C ALA B 27 31.05 1.62 -0.88
N ARG B 28 29.74 1.64 -1.13
CA ARG B 28 29.17 2.51 -2.17
C ARG B 28 29.35 3.97 -1.80
N CYS B 29 29.23 4.31 -0.51
CA CYS B 29 29.39 5.71 -0.08
C CYS B 29 30.86 6.17 -0.33
N VAL B 30 31.82 5.33 0.10
CA VAL B 30 33.25 5.65 -0.13
C VAL B 30 33.55 5.79 -1.63
N LYS B 31 33.05 4.85 -2.43
CA LYS B 31 33.25 4.91 -3.89
C LYS B 31 32.60 6.13 -4.59
N TYR B 32 31.39 6.52 -4.16
CA TYR B 32 30.70 7.68 -4.73
C TYR B 32 31.51 8.96 -4.48
N THR B 33 32.10 9.09 -3.29
CA THR B 33 32.81 10.34 -2.98
C THR B 33 34.17 10.37 -3.67
N GLU B 34 34.71 9.20 -4.02
CA GLU B 34 35.95 9.20 -4.82
C GLU B 34 35.66 9.77 -6.21
N ILE B 35 34.57 9.30 -6.80
CA ILE B 35 34.17 9.61 -8.17
C ILE B 35 33.63 11.04 -8.30
N HIS B 36 32.96 11.54 -7.26
CA HIS B 36 32.35 12.86 -7.26
C HIS B 36 32.98 13.74 -6.18
N PRO B 37 34.11 14.42 -6.49
CA PRO B 37 34.82 15.19 -5.45
C PRO B 37 34.00 16.30 -4.80
N GLU B 38 32.91 16.74 -5.43
CA GLU B 38 32.06 17.77 -4.81
C GLU B 38 31.30 17.25 -3.56
N MET B 39 31.27 15.94 -3.37
CA MET B 39 30.55 15.39 -2.22
C MET B 39 31.44 14.88 -1.11
N ARG B 40 32.71 15.28 -1.12
CA ARG B 40 33.67 14.79 -0.13
C ARG B 40 33.53 15.37 1.30
N HIS B 41 32.71 16.41 1.49
CA HIS B 41 32.36 16.91 2.83
C HIS B 41 31.53 15.87 3.63
N VAL B 42 31.11 14.83 2.93
CA VAL B 42 30.22 13.81 3.54
C VAL B 42 31.06 12.84 4.41
N ASP B 43 30.53 12.48 5.59
CA ASP B 43 31.15 11.43 6.38
C ASP B 43 30.36 10.13 6.24
N CYS B 44 30.95 9.15 5.57
CA CYS B 44 30.21 7.94 5.18
C CYS B 44 29.70 7.10 6.38
N GLN B 45 30.43 7.12 7.51
CA GLN B 45 29.95 6.39 8.70
C GLN B 45 28.69 7.08 9.23
N SER B 46 28.71 8.40 9.29
CA SER B 46 27.51 9.15 9.71
C SER B 46 26.30 8.90 8.80
N VAL B 47 26.55 8.82 7.49
CA VAL B 47 25.50 8.53 6.50
C VAL B 47 24.89 7.14 6.80
N TRP B 48 25.72 6.10 6.93
CA TRP B 48 25.21 4.75 7.33
C TRP B 48 24.43 4.76 8.66
N ASP B 49 24.96 5.47 9.69
CA ASP B 49 24.24 5.60 10.95
C ASP B 49 22.85 6.21 10.78
N ALA B 50 22.76 7.24 9.94
CA ALA B 50 21.44 7.86 9.71
C ALA B 50 20.50 6.95 8.92
N PHE B 51 21.04 6.17 7.98
CA PHE B 51 20.22 5.24 7.15
C PHE B 51 19.66 4.10 8.06
N LYS B 52 20.57 3.46 8.81
CA LYS B 52 20.17 2.38 9.73
C LYS B 52 19.13 2.94 10.76
N GLY B 53 19.34 4.14 11.29
CA GLY B 53 18.37 4.71 12.25
C GLY B 53 16.94 4.92 11.73
N ALA B 54 16.78 5.06 10.40
CA ALA B 54 15.42 5.20 9.81
C ALA B 54 14.53 4.00 10.03
N PHE B 55 15.12 2.81 10.08
CA PHE B 55 14.34 1.56 10.04
C PHE B 55 14.67 0.55 11.15
N ILE B 56 15.86 0.66 11.77
CA ILE B 56 16.17 -0.41 12.75
C ILE B 56 15.23 -0.28 13.97
N SER B 57 14.78 -1.41 14.49
CA SER B 57 13.88 -1.44 15.70
C SER B 57 12.41 -1.13 15.43
N LYS B 58 12.12 -0.69 14.21
CA LYS B 58 10.77 -0.23 13.86
C LYS B 58 9.99 -1.31 13.14
N HIS B 59 8.67 -1.35 13.38
CA HIS B 59 7.82 -2.27 12.62
C HIS B 59 7.88 -1.92 11.13
N PRO B 60 8.19 -2.89 10.25
CA PRO B 60 8.45 -2.54 8.86
C PRO B 60 7.16 -2.24 8.01
N CYS B 61 5.99 -2.13 8.63
CA CYS B 61 4.81 -1.56 8.00
C CYS B 61 4.42 -0.15 8.50
N ASP B 62 5.25 0.39 9.40
CA ASP B 62 4.95 1.67 10.07
C ASP B 62 5.99 2.75 9.79
N ILE B 63 6.77 2.59 8.72
CA ILE B 63 7.84 3.57 8.36
C ILE B 63 7.20 4.88 7.80
N THR B 64 7.77 6.02 8.21
CA THR B 64 7.24 7.35 7.76
C THR B 64 8.36 8.13 7.00
N GLU B 65 7.94 9.15 6.26
CA GLU B 65 8.93 10.04 5.60
C GLU B 65 9.83 10.75 6.65
N GLU B 66 9.25 11.08 7.80
CA GLU B 66 10.01 11.72 8.89
C GLU B 66 11.14 10.82 9.38
N ASP B 67 10.92 9.50 9.33
CA ASP B 67 11.97 8.55 9.73
C ASP B 67 13.27 8.75 8.90
N TYR B 68 13.14 9.16 7.62
CA TYR B 68 14.30 9.31 6.68
C TYR B 68 14.85 10.77 6.67
N GLN B 69 14.31 11.66 7.50
CA GLN B 69 14.76 13.07 7.45
C GLN B 69 16.24 13.25 7.79
N PRO B 70 16.73 12.59 8.86
CA PRO B 70 18.17 12.72 9.15
C PRO B 70 19.07 12.28 7.96
N LEU B 71 18.73 11.20 7.26
CA LEU B 71 19.47 10.78 6.06
C LEU B 71 19.37 11.79 4.90
N MET B 72 18.16 12.27 4.65
CA MET B 72 17.97 13.26 3.61
C MET B 72 18.86 14.49 3.87
N LYS B 73 18.98 14.91 5.14
CA LYS B 73 19.74 16.10 5.49
C LYS B 73 21.22 15.87 5.21
N LEU B 74 21.74 14.69 5.59
CA LEU B 74 23.18 14.45 5.35
C LEU B 74 23.50 14.27 3.85
N GLY B 75 22.53 13.70 3.14
CA GLY B 75 22.65 13.48 1.70
C GLY B 75 22.24 14.62 0.79
N THR B 76 21.97 15.79 1.35
CA THR B 76 21.67 17.02 0.57
C THR B 76 22.68 17.24 -0.56
N GLN B 77 22.16 17.39 -1.77
CA GLN B 77 23.00 17.50 -2.95
C GLN B 77 22.26 18.30 -4.00
N THR B 78 22.91 19.34 -4.48
CA THR B 78 22.30 20.20 -5.49
C THR B 78 22.81 19.78 -6.85
N VAL B 79 21.87 19.34 -7.68
CA VAL B 79 22.17 18.94 -9.06
C VAL B 79 21.60 20.04 -9.97
N PRO B 80 22.35 20.45 -11.02
CA PRO B 80 21.81 21.53 -11.86
C PRO B 80 20.40 21.18 -12.33
N CYS B 81 19.43 22.05 -12.09
CA CYS B 81 18.02 21.64 -12.19
C CYS B 81 17.52 21.41 -13.61
N ASN B 82 18.27 21.94 -14.58
CA ASN B 82 17.93 21.77 -16.00
C ASN B 82 18.59 20.56 -16.67
N LYS B 83 19.24 19.72 -15.85
CA LYS B 83 19.99 18.53 -16.32
C LYS B 83 19.43 17.21 -15.79
N ILE B 84 18.12 17.18 -15.56
CA ILE B 84 17.49 16.01 -14.93
C ILE B 84 16.80 15.09 -15.93
N LEU B 85 17.12 13.80 -15.78
CA LEU B 85 16.58 12.74 -16.60
C LEU B 85 15.72 11.81 -15.70
N LEU B 86 14.41 11.89 -15.91
CA LEU B 86 13.51 10.90 -15.27
C LEU B 86 13.35 9.68 -16.20
N TRP B 87 12.88 8.54 -15.67
CA TRP B 87 12.72 7.37 -16.54
C TRP B 87 11.59 6.43 -16.06
N SER B 88 11.01 5.68 -16.98
CA SER B 88 9.95 4.71 -16.64
C SER B 88 10.21 3.38 -17.34
N ARG B 89 10.39 2.36 -16.51
CA ARG B 89 10.63 0.97 -16.94
C ARG B 89 11.83 0.75 -17.85
N ILE B 90 12.64 1.79 -18.11
CA ILE B 90 13.72 1.70 -19.11
C ILE B 90 15.08 2.03 -18.47
N LYS B 91 15.31 1.35 -17.35
CA LYS B 91 16.43 1.60 -16.44
C LYS B 91 17.84 1.55 -17.03
N ASP B 92 18.13 0.46 -17.73
CA ASP B 92 19.46 0.26 -18.32
C ASP B 92 19.87 1.36 -19.30
N LEU B 93 18.99 1.73 -20.23
CA LEU B 93 19.35 2.73 -21.24
C LEU B 93 19.57 4.11 -20.59
N ALA B 94 18.74 4.44 -19.59
CA ALA B 94 18.88 5.74 -18.93
C ALA B 94 20.25 5.89 -18.24
N HIS B 95 20.70 4.85 -17.55
CA HIS B 95 22.01 4.90 -16.92
C HIS B 95 23.17 4.81 -17.89
N GLN B 96 23.04 4.03 -18.97
CA GLN B 96 24.09 4.02 -20.00
C GLN B 96 24.29 5.43 -20.58
N PHE B 97 23.17 6.15 -20.73
CA PHE B 97 23.16 7.51 -21.28
C PHE B 97 23.91 8.48 -20.37
N THR B 98 23.61 8.50 -19.08
CA THR B 98 24.32 9.42 -18.18
C THR B 98 25.77 9.00 -17.89
N GLN B 99 26.13 7.76 -18.21
CA GLN B 99 27.51 7.30 -18.06
C GLN B 99 28.39 8.05 -19.04
N VAL B 100 27.78 8.42 -20.18
CA VAL B 100 28.45 9.12 -21.25
C VAL B 100 28.29 10.66 -21.15
N GLN B 101 27.07 11.13 -20.91
CA GLN B 101 26.83 12.57 -20.71
C GLN B 101 26.84 12.84 -19.21
N ARG B 102 28.03 12.92 -18.63
CA ARG B 102 28.20 13.03 -17.17
C ARG B 102 27.69 14.39 -16.70
N ASP B 103 27.26 15.16 -17.69
CA ASP B 103 26.49 16.37 -17.56
C ASP B 103 25.14 16.15 -16.86
N MET B 104 24.49 15.03 -17.17
CA MET B 104 23.11 14.81 -16.76
C MET B 104 22.97 13.73 -15.71
N PHE B 105 21.85 13.81 -14.96
CA PHE B 105 21.62 13.03 -13.74
C PHE B 105 20.27 12.33 -13.74
N THR B 106 20.27 11.02 -13.54
CA THR B 106 19.08 10.32 -13.07
C THR B 106 19.19 10.29 -11.55
N LEU B 107 18.16 9.79 -10.90
CA LEU B 107 18.12 9.75 -9.45
C LEU B 107 19.23 8.86 -8.89
N GLU B 108 19.55 7.78 -9.62
CA GLU B 108 20.61 6.86 -9.22
C GLU B 108 22.07 7.40 -9.42
N ASP B 109 22.20 8.59 -10.02
CA ASP B 109 23.46 9.28 -10.14
C ASP B 109 23.69 10.28 -8.99
N THR B 110 22.70 10.44 -8.11
CA THR B 110 22.86 11.22 -6.86
C THR B 110 23.39 10.31 -5.76
N LEU B 111 24.08 10.86 -4.74
CA LEU B 111 24.58 9.99 -3.66
C LEU B 111 23.53 9.05 -3.10
N LEU B 112 22.38 9.59 -2.69
CA LEU B 112 21.37 8.69 -2.02
C LEU B 112 20.79 7.62 -2.93
N GLY B 113 20.49 7.98 -4.19
CA GLY B 113 19.95 6.96 -5.15
C GLY B 113 21.00 5.90 -5.47
N TYR B 114 22.27 6.32 -5.58
CA TYR B 114 23.41 5.39 -5.81
C TYR B 114 23.60 4.37 -4.67
N LEU B 115 23.41 4.83 -3.41
CA LEU B 115 23.57 3.96 -2.26
C LEU B 115 22.54 2.83 -2.32
N ALA B 116 21.32 3.14 -2.75
CA ALA B 116 20.18 2.18 -2.51
C ALA B 116 19.74 1.38 -3.74
N ASP B 117 20.22 1.79 -4.93
CA ASP B 117 19.80 1.12 -6.16
C ASP B 117 19.97 -0.40 -6.11
N ASP B 118 18.86 -1.09 -6.42
CA ASP B 118 18.83 -2.56 -6.55
C ASP B 118 19.03 -3.33 -5.22
N LEU B 119 18.88 -2.66 -4.08
CA LEU B 119 19.03 -3.32 -2.74
C LEU B 119 17.65 -3.44 -2.07
N THR B 120 17.57 -4.39 -1.11
CA THR B 120 16.39 -4.57 -0.23
C THR B 120 16.85 -4.48 1.22
N TRP B 121 15.98 -3.94 2.09
CA TRP B 121 16.35 -3.90 3.55
C TRP B 121 15.08 -3.80 4.39
N CYS B 122 15.16 -4.32 5.64
CA CYS B 122 14.13 -4.09 6.69
C CYS B 122 14.63 -4.56 8.04
N GLY B 123 13.95 -4.08 9.10
CA GLY B 123 14.25 -4.46 10.49
C GLY B 123 13.09 -5.26 11.08
N GLU B 124 13.12 -5.33 12.41
CA GLU B 124 12.13 -6.03 13.19
C GLU B 124 11.66 -5.11 14.30
N PHE B 125 10.35 -5.07 14.55
CA PHE B 125 9.82 -4.38 15.64
C PHE B 125 10.51 -4.94 16.91
N ASP B 126 10.87 -4.04 17.75
CA ASP B 126 11.56 -4.35 19.02
C ASP B 126 12.72 -5.36 19.14
N THR B 127 13.51 -5.50 18.09
CA THR B 127 14.90 -5.91 18.26
C THR B 127 15.77 -4.97 17.45
N SER B 128 17.08 -5.01 17.67
CA SER B 128 18.03 -4.25 16.87
C SER B 128 18.56 -4.96 15.62
N LYS B 129 17.96 -6.10 15.27
CA LYS B 129 18.52 -6.90 14.19
C LYS B 129 17.91 -6.55 12.79
N ILE B 130 18.76 -6.66 11.76
CA ILE B 130 18.30 -6.62 10.34
C ILE B 130 17.71 -7.97 9.96
N ASN B 131 16.59 -7.95 9.24
CA ASN B 131 15.93 -9.21 8.83
C ASN B 131 16.47 -9.64 7.45
N TYR B 132 17.32 -10.69 7.44
CA TYR B 132 17.90 -11.20 6.19
C TYR B 132 17.03 -12.30 5.52
N GLN B 133 15.89 -12.65 6.15
CA GLN B 133 15.08 -13.80 5.69
C GLN B 133 13.93 -13.40 4.75
N SER B 134 13.26 -12.28 5.13
CA SER B 134 12.10 -11.78 4.35
C SER B 134 11.77 -10.32 4.75
N CYS B 135 11.17 -9.58 3.83
CA CYS B 135 10.74 -8.16 4.09
C CYS B 135 9.35 -7.97 3.43
N PRO B 136 8.58 -6.95 3.87
CA PRO B 136 7.19 -6.78 3.31
C PRO B 136 7.15 -6.57 1.78
N ASP B 137 6.25 -7.29 1.12
CA ASP B 137 5.90 -7.01 -0.27
C ASP B 137 4.88 -5.85 -0.29
N TRP B 138 5.13 -4.83 -1.12
CA TRP B 138 4.26 -3.63 -1.25
C TRP B 138 2.77 -3.94 -1.42
N ARG B 139 2.45 -4.92 -2.27
CA ARG B 139 1.04 -5.25 -2.58
C ARG B 139 0.42 -6.32 -1.67
N LYS B 140 1.15 -7.41 -1.39
CA LYS B 140 0.64 -8.51 -0.54
C LYS B 140 0.69 -8.20 0.99
N ASP B 141 1.68 -7.41 1.42
CA ASP B 141 1.89 -7.11 2.87
C ASP B 141 1.46 -5.70 3.24
N CYS B 142 2.24 -4.69 2.92
CA CYS B 142 1.96 -3.30 3.32
C CYS B 142 2.83 -2.32 2.52
N SER B 143 2.27 -1.13 2.22
CA SER B 143 3.03 -0.10 1.48
C SER B 143 4.03 0.76 2.26
N ASN B 144 3.80 1.02 3.56
CA ASN B 144 4.73 1.89 4.32
C ASN B 144 5.89 1.08 4.90
N ASN B 145 6.60 0.42 3.98
CA ASN B 145 7.77 -0.39 4.33
C ASN B 145 9.11 0.34 4.07
N PRO B 146 10.23 -0.16 4.68
CA PRO B 146 11.45 0.66 4.55
C PRO B 146 11.89 1.02 3.14
N VAL B 147 11.78 0.09 2.22
CA VAL B 147 12.28 0.34 0.84
C VAL B 147 11.34 1.27 0.09
N SER B 148 10.04 0.99 0.15
CA SER B 148 9.05 1.84 -0.56
C SER B 148 9.02 3.29 -0.11
N VAL B 149 9.09 3.49 1.23
CA VAL B 149 9.05 4.84 1.80
C VAL B 149 10.28 5.61 1.43
N PHE B 150 11.43 4.91 1.45
CA PHE B 150 12.67 5.60 1.01
C PHE B 150 12.53 6.14 -0.43
N TRP B 151 12.11 5.28 -1.36
CA TRP B 151 12.08 5.74 -2.78
C TRP B 151 11.02 6.81 -2.98
N LYS B 152 9.91 6.72 -2.25
CA LYS B 152 8.88 7.82 -2.34
C LYS B 152 9.42 9.20 -1.94
N THR B 153 10.13 9.23 -0.82
CA THR B 153 10.67 10.46 -0.26
C THR B 153 11.78 11.07 -1.13
N VAL B 154 12.78 10.27 -1.51
CA VAL B 154 13.87 10.76 -2.40
C VAL B 154 13.40 11.16 -3.79
N SER B 155 12.47 10.40 -4.37
CA SER B 155 11.95 10.70 -5.70
C SER B 155 11.27 12.07 -5.70
N ARG B 156 10.46 12.33 -4.66
CA ARG B 156 9.77 13.62 -4.55
C ARG B 156 10.71 14.81 -4.46
N ARG B 157 11.71 14.72 -3.60
CA ARG B 157 12.69 15.79 -3.50
C ARG B 157 13.43 16.06 -4.83
N PHE B 158 13.73 15.00 -5.57
CA PHE B 158 14.42 15.09 -6.87
C PHE B 158 13.57 15.78 -7.95
N ALA B 159 12.30 15.39 -8.07
CA ALA B 159 11.36 16.07 -8.98
C ALA B 159 11.07 17.54 -8.59
N GLU B 160 10.98 17.82 -7.29
CA GLU B 160 10.73 19.18 -6.80
C GLU B 160 11.86 20.17 -7.16
N ALA B 161 13.01 19.63 -7.54
CA ALA B 161 14.17 20.44 -7.88
C ALA B 161 14.27 20.75 -9.38
N ALA B 162 13.63 19.93 -10.22
CA ALA B 162 13.75 20.04 -11.68
C ALA B 162 13.28 21.39 -12.23
N CYS B 163 14.01 21.90 -13.21
CA CYS B 163 13.69 23.20 -13.80
C CYS B 163 13.90 23.21 -15.30
N ASP B 164 13.30 24.21 -15.96
CA ASP B 164 13.47 24.42 -17.39
C ASP B 164 12.77 23.36 -18.24
N VAL B 165 13.68 22.68 -19.16
CA VAL B 165 13.19 21.54 -19.91
C VAL B 165 13.53 20.28 -19.12
N VAL B 166 12.47 19.53 -18.71
CA VAL B 166 12.64 18.24 -18.01
C VAL B 166 12.51 17.08 -19.01
N HIS B 167 13.44 16.09 -18.96
CA HIS B 167 13.40 14.94 -19.87
C HIS B 167 12.99 13.66 -19.15
N VAL B 168 12.26 12.82 -19.88
CA VAL B 168 11.82 11.51 -19.40
C VAL B 168 11.96 10.44 -20.50
N MET B 169 12.70 9.37 -20.20
CA MET B 169 12.77 8.21 -21.09
C MET B 169 11.61 7.25 -20.75
N LEU B 170 10.92 6.80 -21.79
CA LEU B 170 9.85 5.81 -21.61
C LEU B 170 10.09 4.61 -22.52
N ASP B 171 9.63 3.45 -22.06
CA ASP B 171 9.76 2.20 -22.81
C ASP B 171 8.60 2.06 -23.81
N GLY B 172 8.95 2.09 -25.09
CA GLY B 172 7.95 2.15 -26.15
C GLY B 172 7.25 0.85 -26.48
N SER B 173 7.75 -0.25 -25.93
CA SER B 173 7.15 -1.57 -26.19
C SER B 173 6.49 -2.16 -24.94
N ARG B 174 6.15 -1.27 -24.00
CA ARG B 174 5.48 -1.65 -22.76
C ARG B 174 4.00 -1.92 -22.96
N SER B 175 3.51 -1.74 -24.19
CA SER B 175 2.08 -1.75 -24.50
C SER B 175 1.29 -0.91 -23.49
N LYS B 176 2.02 -0.09 -22.74
CA LYS B 176 1.47 0.86 -21.80
C LYS B 176 2.52 1.97 -21.65
N ILE B 177 2.95 2.52 -22.80
CA ILE B 177 4.12 3.40 -22.90
C ILE B 177 4.16 4.50 -21.83
N PHE B 178 3.03 5.14 -21.59
CA PHE B 178 2.84 5.90 -20.36
C PHE B 178 1.86 5.18 -19.46
N ASP B 179 2.23 5.06 -18.19
CA ASP B 179 1.44 4.33 -17.20
C ASP B 179 1.12 5.22 -16.00
N LYS B 180 -0.17 5.47 -15.79
CA LYS B 180 -0.65 6.44 -14.80
C LYS B 180 -0.15 6.21 -13.36
N ASP B 181 0.00 4.94 -12.98
CA ASP B 181 0.14 4.56 -11.56
C ASP B 181 1.51 4.75 -10.91
N SER B 182 2.58 4.76 -11.72
CA SER B 182 3.96 4.67 -11.19
C SER B 182 4.40 5.85 -10.30
N THR B 183 5.57 5.70 -9.66
CA THR B 183 6.14 6.79 -8.84
C THR B 183 6.39 8.06 -9.67
N PHE B 184 6.66 7.89 -10.95
CA PHE B 184 6.70 9.01 -11.90
C PHE B 184 5.31 9.66 -11.97
N GLY B 185 4.33 8.87 -12.41
CA GLY B 185 2.95 9.34 -12.62
C GLY B 185 2.26 9.87 -11.39
N SER B 186 2.66 9.36 -10.22
CA SER B 186 2.24 9.95 -8.96
C SER B 186 3.27 11.01 -8.57
N VAL B 187 4.06 10.71 -7.53
CA VAL B 187 5.14 11.55 -7.01
C VAL B 187 5.75 12.56 -8.01
N GLY B 188 6.26 12.03 -9.13
CA GLY B 188 7.10 12.79 -10.08
C GLY B 188 6.45 13.96 -10.78
N VAL B 189 5.47 13.67 -11.64
CA VAL B 189 4.76 14.70 -12.39
C VAL B 189 4.11 15.75 -11.48
N HIS B 190 3.59 15.31 -10.34
CA HIS B 190 2.87 16.17 -9.40
C HIS B 190 3.77 17.14 -8.65
N ASN B 191 5.06 16.81 -8.53
CA ASN B 191 6.00 17.67 -7.85
C ASN B 191 6.85 18.49 -8.79
N LEU B 192 6.54 18.44 -10.08
CA LEU B 192 7.16 19.33 -11.06
C LEU B 192 6.48 20.68 -10.93
N GLN B 193 7.23 21.68 -10.49
CA GLN B 193 6.69 23.03 -10.26
C GLN B 193 6.67 23.87 -11.55
N PRO B 194 5.49 24.45 -11.90
CA PRO B 194 5.28 25.32 -13.07
C PRO B 194 6.08 26.63 -13.03
N GLU B 195 6.54 27.00 -11.84
CA GLU B 195 7.40 28.16 -11.65
C GLU B 195 8.81 27.88 -12.14
N LYS B 196 9.17 26.60 -12.15
CA LYS B 196 10.50 26.14 -12.55
C LYS B 196 10.48 25.53 -13.95
N VAL B 197 9.37 24.84 -14.28
CA VAL B 197 9.35 23.93 -15.44
C VAL B 197 8.54 24.46 -16.61
N GLN B 198 9.23 24.76 -17.71
CA GLN B 198 8.58 25.20 -18.95
C GLN B 198 8.02 23.97 -19.70
N THR B 199 8.83 22.89 -19.74
CA THR B 199 8.58 21.76 -20.66
C THR B 199 8.91 20.41 -20.05
N LEU B 200 8.10 19.41 -20.41
CA LEU B 200 8.46 18.01 -20.21
C LEU B 200 8.64 17.38 -21.62
N GLU B 201 9.86 16.92 -21.90
CA GLU B 201 10.13 16.28 -23.20
C GLU B 201 10.32 14.80 -22.97
N ALA B 202 9.50 14.01 -23.66
CA ALA B 202 9.59 12.56 -23.54
C ALA B 202 10.37 11.97 -24.69
N TRP B 203 11.28 11.06 -24.37
CA TRP B 203 11.99 10.29 -25.37
C TRP B 203 11.43 8.89 -25.31
N VAL B 204 10.72 8.50 -26.37
CA VAL B 204 10.12 7.17 -26.48
C VAL B 204 11.13 6.24 -27.14
N ILE B 205 11.64 5.31 -26.33
CA ILE B 205 12.68 4.38 -26.75
C ILE B 205 12.04 3.20 -27.46
N HIS B 206 12.35 3.08 -28.76
CA HIS B 206 11.88 1.99 -29.59
C HIS B 206 12.55 0.68 -29.21
N GLY B 207 11.80 -0.21 -28.58
CA GLY B 207 12.23 -1.60 -28.40
C GLY B 207 11.87 -2.38 -29.65
N GLY B 208 10.83 -1.92 -30.35
CA GLY B 208 10.23 -2.62 -31.49
C GLY B 208 11.12 -2.77 -32.70
N ARG B 209 10.90 -3.85 -33.46
CA ARG B 209 11.80 -4.25 -34.55
C ARG B 209 11.92 -3.22 -35.67
N GLU B 210 12.89 -2.32 -35.49
CA GLU B 210 13.31 -1.34 -36.52
C GLU B 210 12.20 -0.38 -36.95
N ASP B 211 12.00 -0.28 -38.27
CA ASP B 211 11.02 0.64 -38.88
C ASP B 211 9.63 0.46 -38.26
N SER B 212 9.31 1.39 -37.36
CA SER B 212 8.05 1.33 -36.62
C SER B 212 7.24 2.62 -36.81
N ARG B 213 6.32 2.87 -35.89
CA ARG B 213 5.40 3.99 -35.96
C ARG B 213 5.91 5.21 -35.18
N ASP B 214 5.32 6.37 -35.47
CA ASP B 214 5.52 7.56 -34.66
C ASP B 214 4.82 7.31 -33.33
N LEU B 215 5.60 6.84 -32.36
CA LEU B 215 5.05 6.43 -31.08
C LEU B 215 4.62 7.61 -30.21
N CYS B 216 4.91 8.82 -30.67
CA CYS B 216 4.48 10.04 -29.98
C CYS B 216 2.98 10.33 -30.16
N GLN B 217 2.34 9.60 -31.06
CA GLN B 217 0.90 9.73 -31.27
C GLN B 217 0.09 8.58 -30.65
N ASP B 218 0.78 7.73 -29.88
CA ASP B 218 0.16 6.64 -29.15
C ASP B 218 -0.81 7.20 -28.09
N PRO B 219 -2.02 6.59 -27.99
CA PRO B 219 -3.01 6.92 -26.96
C PRO B 219 -2.46 7.35 -25.60
N THR B 220 -1.48 6.62 -25.07
CA THR B 220 -0.95 6.91 -23.74
C THR B 220 -0.10 8.19 -23.70
N ILE B 221 0.53 8.52 -24.84
CA ILE B 221 1.27 9.79 -24.98
C ILE B 221 0.29 10.97 -24.98
N LYS B 222 -0.85 10.80 -25.66
CA LYS B 222 -1.90 11.82 -25.67
C LYS B 222 -2.41 12.16 -24.26
N GLU B 223 -2.44 11.16 -23.37
CA GLU B 223 -2.91 11.36 -22.00
C GLU B 223 -1.99 12.24 -21.17
N LEU B 224 -0.70 11.90 -21.16
CA LEU B 224 0.31 12.66 -20.39
C LEU B 224 0.40 14.11 -20.88
N GLU B 225 0.21 14.32 -22.18
CA GLU B 225 0.11 15.66 -22.76
C GLU B 225 -1.02 16.46 -22.07
N SER B 226 -2.21 15.85 -21.99
CA SER B 226 -3.35 16.44 -21.29
C SER B 226 -3.06 16.72 -19.81
N ILE B 227 -2.23 15.90 -19.19
CA ILE B 227 -1.97 16.01 -17.76
C ILE B 227 -1.15 17.27 -17.42
N ILE B 228 0.04 17.37 -18.01
CA ILE B 228 0.95 18.49 -17.73
C ILE B 228 0.43 19.84 -18.26
N SER B 229 -0.42 19.79 -19.29
CA SER B 229 -1.06 20.99 -19.84
C SER B 229 -1.85 21.72 -18.76
N LYS B 230 -2.60 20.95 -17.97
CA LYS B 230 -3.40 21.46 -16.86
C LYS B 230 -2.53 22.20 -15.84
N ARG B 231 -1.41 21.57 -15.46
CA ARG B 231 -0.44 22.18 -14.55
C ARG B 231 0.33 23.37 -15.17
N ASN B 232 -0.10 23.79 -16.37
CA ASN B 232 0.48 24.93 -17.10
C ASN B 232 1.87 24.66 -17.71
N ILE B 233 2.13 23.41 -18.08
CA ILE B 233 3.43 23.00 -18.64
C ILE B 233 3.30 22.54 -20.11
N GLN B 234 4.30 22.88 -20.92
CA GLN B 234 4.36 22.50 -22.34
C GLN B 234 4.81 21.04 -22.55
N PHE B 235 4.34 20.42 -23.63
CA PHE B 235 4.67 19.01 -23.91
C PHE B 235 5.37 18.82 -25.24
N SER B 236 6.50 18.13 -25.19
CA SER B 236 7.27 17.73 -26.36
C SER B 236 7.54 16.23 -26.31
N CYS B 237 7.64 15.62 -27.50
CA CYS B 237 7.91 14.17 -27.59
C CYS B 237 8.81 13.84 -28.77
N LYS B 238 9.68 12.84 -28.56
CA LYS B 238 10.60 12.35 -29.57
C LYS B 238 10.72 10.84 -29.60
N ASN B 239 10.88 10.29 -30.80
CA ASN B 239 11.15 8.87 -30.98
C ASN B 239 12.65 8.61 -31.04
N ILE B 240 13.11 7.60 -30.31
CA ILE B 240 14.47 7.10 -30.47
C ILE B 240 14.41 5.73 -31.15
N TYR B 241 14.52 5.74 -32.47
CA TYR B 241 14.32 4.54 -33.29
C TYR B 241 15.36 3.44 -33.02
N ARG B 242 16.63 3.73 -33.31
CA ARG B 242 17.73 2.84 -32.92
C ARG B 242 18.48 3.27 -31.65
N PRO B 243 18.12 2.71 -30.48
CA PRO B 243 18.81 2.98 -29.21
C PRO B 243 20.33 2.72 -29.26
N ASP B 244 20.72 1.72 -30.05
CA ASP B 244 22.10 1.36 -30.28
C ASP B 244 22.86 2.47 -31.03
N LYS B 245 22.30 2.97 -32.13
CA LYS B 245 22.91 4.09 -32.87
C LYS B 245 22.97 5.34 -31.99
N PHE B 246 21.86 5.60 -31.30
CA PHE B 246 21.70 6.73 -30.40
C PHE B 246 22.86 6.82 -29.39
N LEU B 247 23.14 5.71 -28.70
CA LEU B 247 24.26 5.65 -27.74
C LEU B 247 25.63 5.91 -28.35
N GLN B 248 25.86 5.32 -29.52
CA GLN B 248 27.13 5.52 -30.19
C GLN B 248 27.28 7.00 -30.63
N CYS B 249 26.16 7.63 -31.03
CA CYS B 249 26.12 9.08 -31.32
C CYS B 249 26.46 9.95 -30.08
N VAL B 250 25.80 9.64 -28.97
CA VAL B 250 26.03 10.38 -27.71
C VAL B 250 27.50 10.29 -27.26
N LYS B 251 28.09 9.09 -27.41
CA LYS B 251 29.50 8.78 -27.13
C LYS B 251 30.48 9.60 -27.98
N ASN B 252 30.20 9.72 -29.28
CA ASN B 252 31.03 10.50 -30.21
C ASN B 252 30.18 11.21 -31.25
N PRO B 253 30.07 12.58 -31.12
CA PRO B 253 29.33 13.47 -32.04
C PRO B 253 29.79 13.40 -33.49
N GLU B 254 30.96 12.82 -33.74
CA GLU B 254 31.54 12.79 -35.07
C GLU B 254 31.50 11.39 -35.71
N ASP B 255 30.45 10.63 -35.38
CA ASP B 255 30.30 9.26 -35.90
C ASP B 255 29.10 9.16 -36.84
N SER B 256 29.12 8.13 -37.71
CA SER B 256 27.98 7.73 -38.56
C SER B 256 27.06 8.86 -39.08
N SER B 257 25.75 8.70 -38.86
CA SER B 257 24.78 9.73 -39.18
C SER B 257 24.27 10.36 -37.87
N CYS B 258 25.19 11.01 -37.16
CA CYS B 258 24.89 11.68 -35.91
C CYS B 258 23.90 12.83 -36.10
O2B CXR C . -10.73 -11.31 10.92
PB CXR C . -10.85 -11.69 9.37
O3A CXR C . -11.72 -13.00 9.24
O1B CXR C . -9.63 -11.78 8.47
O5D CXR C . -11.86 -10.65 8.72
C5D CXR C . -11.74 -9.20 8.79
C4D CXR C . -13.10 -8.58 9.10
C3D CXR C . -13.87 -9.31 10.18
O3D CXR C . -13.52 -8.86 11.55
C2D CXR C . -15.31 -9.00 9.82
O2D CXR C . -15.50 -7.57 10.16
O4D CXR C . -13.97 -8.72 7.93
C1D CXR C . -15.33 -9.02 8.31
N1 CXR C . -15.64 -10.33 7.62
C6 CXR C . -16.90 -10.86 7.75
N6 CXR C . -17.92 -10.09 8.13
C5 CXR C . -17.12 -12.23 7.31
N7 CXR C . -18.27 -13.00 7.22
C8 CXR C . -17.91 -14.26 6.84
C2 CXR C . -14.55 -11.20 7.27
N3 CXR C . -14.75 -12.49 6.90
C4 CXR C . -16.02 -13.06 6.95
N9 CXR C . -16.52 -14.27 6.63
C1' CXR C . -15.81 -15.48 6.22
O4' CXR C . -14.93 -15.74 7.37
C2' CXR C . -14.97 -15.31 5.02
O2' CXR C . -15.55 -16.12 4.05
C3' CXR C . -13.71 -16.04 5.34
C4' CXR C . -13.52 -15.97 6.86
C5' CXR C . -12.52 -14.96 7.36
O5' CXR C . -12.20 -15.37 8.69
PA CXR C . -11.17 -14.55 9.61
O2A CXR C . -11.60 -14.81 11.09
O1A CXR C . -9.74 -14.77 9.21
O3' CXR C . -12.57 -15.66 4.44
O2B CXR D . 7.60 3.14 -8.70
PB CXR D . 8.88 2.97 -7.88
O3A CXR D . 9.65 1.74 -8.49
O1B CXR D . 8.83 2.92 -6.37
O5D CXR D . 9.95 4.11 -8.33
C5D CXR D . 10.56 5.06 -7.45
C4D CXR D . 11.78 5.57 -8.18
C3D CXR D . 11.93 4.92 -9.53
O3D CXR D . 11.49 5.88 -10.49
C2D CXR D . 13.38 4.55 -9.68
O2D CXR D . 14.15 5.67 -10.26
O4D CXR D . 12.98 5.23 -7.46
C1D CXR D . 13.87 4.45 -8.26
N1 CXR D . 13.95 3.08 -7.62
C6 CXR D . 15.10 2.24 -7.84
N6 CXR D . 16.36 2.67 -8.30
C5 CXR D . 15.02 0.89 -7.47
N7 CXR D . 15.92 -0.07 -7.49
C8 CXR D . 15.24 -1.21 -7.06
C2 CXR D . 12.66 2.43 -7.20
N3 CXR D . 12.63 1.11 -6.84
C4 CXR D . 13.71 0.34 -6.98
N9 CXR D . 13.96 -0.94 -6.74
C1' CXR D . 12.96 -1.99 -6.30
O4' CXR D . 11.89 -2.01 -7.35
C2' CXR D . 12.32 -1.84 -4.97
O2' CXR D . 12.74 -2.94 -4.25
C3' CXR D . 10.83 -2.06 -5.15
C4' CXR D . 10.56 -1.99 -6.67
C5' CXR D . 9.75 -0.77 -7.04
O5' CXR D . 9.66 -0.71 -8.44
PA CXR D . 8.88 0.54 -9.11
O2A CXR D . 9.13 0.53 -10.63
O1A CXR D . 7.45 0.58 -8.54
O3' CXR D . 10.00 -1.12 -4.36
#